data_1GQA
#
_entry.id   1GQA
#
_cell.length_a   48.100
_cell.length_b   48.100
_cell.length_c   115.798
_cell.angle_alpha   90.00
_cell.angle_beta   90.00
_cell.angle_gamma   120.00
#
_symmetry.space_group_name_H-M   'P 31'
#
loop_
_entity.id
_entity.type
_entity.pdbx_description
1 polymer "CYTOCHROME C'"
2 non-polymer 'HEME C'
3 water water
#
_entity_poly.entity_id   1
_entity_poly.type   'polypeptide(L)'
_entity_poly.pdbx_seq_one_letter_code
;ADAEHVVEARKGYFSLVALEFGPLAAMAKGEMPYDAAAAKAHASDLVTLTKYDPSDLYAPGTSADDVKGTAAKAAIWQDA
DGFQAKGMAFFEAVAALEPAAGAGQKELAAAVGKVGGTCKSCHDDFRVKR
;
_entity_poly.pdbx_strand_id   A,D
#
loop_
_chem_comp.id
_chem_comp.type
_chem_comp.name
_chem_comp.formula
HEC non-polymer 'HEME C' 'C34 H34 Fe N4 O4'
#
# COMPACT_ATOMS: atom_id res chain seq x y z
N ALA A 1 -0.46 -1.05 -17.07
CA ALA A 1 -1.31 -2.25 -16.76
C ALA A 1 -2.71 -1.94 -17.23
N ASP A 2 -3.63 -2.88 -17.07
CA ASP A 2 -5.00 -2.55 -17.46
C ASP A 2 -5.60 -1.51 -16.49
N ALA A 3 -6.50 -0.68 -17.01
CA ALA A 3 -7.04 0.41 -16.23
C ALA A 3 -7.65 -0.08 -14.92
N GLU A 4 -8.37 -1.18 -15.00
CA GLU A 4 -9.06 -1.75 -13.85
C GLU A 4 -8.07 -2.06 -12.75
N HIS A 5 -6.91 -2.53 -13.16
CA HIS A 5 -5.86 -2.88 -12.23
C HIS A 5 -5.27 -1.65 -11.54
N VAL A 6 -5.01 -0.60 -12.32
CA VAL A 6 -4.52 0.63 -11.74
C VAL A 6 -5.55 1.17 -10.74
N VAL A 7 -6.82 1.11 -11.12
CA VAL A 7 -7.84 1.64 -10.21
C VAL A 7 -7.88 0.83 -8.91
N GLU A 8 -7.83 -0.49 -9.03
CA GLU A 8 -7.82 -1.31 -7.85
C GLU A 8 -6.64 -0.95 -6.94
N ALA A 9 -5.48 -0.73 -7.53
CA ALA A 9 -4.31 -0.39 -6.73
C ALA A 9 -4.44 0.97 -6.07
N ARG A 10 -5.04 1.92 -6.78
CA ARG A 10 -5.16 3.28 -6.27
C ARG A 10 -6.09 3.30 -5.05
N LYS A 11 -7.21 2.64 -5.16
CA LYS A 11 -8.14 2.54 -4.06
C LYS A 11 -7.54 1.75 -2.90
N GLY A 12 -6.76 0.71 -3.25
CA GLY A 12 -6.11 -0.09 -2.21
C GLY A 12 -5.17 0.81 -1.41
N TYR A 13 -4.42 1.68 -2.10
CA TYR A 13 -3.48 2.61 -1.50
C TYR A 13 -4.24 3.45 -0.47
N PHE A 14 -5.35 4.05 -0.86
CA PHE A 14 -6.07 4.87 0.10
C PHE A 14 -6.70 4.02 1.18
N SER A 15 -7.09 2.76 0.87
CA SER A 15 -7.61 1.88 1.91
C SER A 15 -6.57 1.70 3.04
N LEU A 16 -5.29 1.60 2.67
CA LEU A 16 -4.24 1.42 3.65
C LEU A 16 -4.08 2.70 4.49
N VAL A 17 -4.02 3.84 3.81
CA VAL A 17 -3.93 5.12 4.46
C VAL A 17 -5.09 5.20 5.47
N ALA A 18 -6.32 4.91 5.03
CA ALA A 18 -7.45 5.03 5.93
C ALA A 18 -7.30 4.04 7.12
N LEU A 19 -6.80 2.84 6.85
CA LEU A 19 -6.63 1.83 7.89
C LEU A 19 -5.71 2.29 8.99
N GLU A 20 -4.60 2.93 8.62
CA GLU A 20 -3.62 3.39 9.61
C GLU A 20 -4.01 4.70 10.30
N PHE A 21 -4.70 5.56 9.58
CA PHE A 21 -5.12 6.85 10.13
C PHE A 21 -6.30 6.71 11.07
N GLY A 22 -7.14 5.71 10.80
CA GLY A 22 -8.34 5.47 11.59
C GLY A 22 -8.16 5.45 13.11
N PRO A 23 -7.26 4.63 13.65
CA PRO A 23 -7.01 4.60 15.10
C PRO A 23 -6.42 5.91 15.62
N LEU A 24 -5.58 6.62 14.84
CA LEU A 24 -5.11 7.95 15.26
C LEU A 24 -6.27 8.90 15.40
N ALA A 25 -7.19 8.86 14.46
CA ALA A 25 -8.36 9.74 14.54
C ALA A 25 -9.24 9.38 15.72
N ALA A 26 -9.40 8.08 15.92
CA ALA A 26 -10.26 7.63 17.04
C ALA A 26 -9.73 8.10 18.39
N MET A 27 -8.44 8.00 18.54
CA MET A 27 -7.75 8.42 19.77
C MET A 27 -7.86 9.95 19.95
N ALA A 28 -7.67 10.70 18.88
CA ALA A 28 -7.78 12.16 18.91
C ALA A 28 -9.17 12.59 19.34
N LYS A 29 -10.17 11.82 18.89
CA LYS A 29 -11.54 12.12 19.18
C LYS A 29 -11.98 11.74 20.56
N GLY A 30 -11.30 10.77 21.18
CA GLY A 30 -11.67 10.26 22.49
C GLY A 30 -12.52 8.99 22.40
N GLU A 31 -12.63 8.45 21.20
CA GLU A 31 -13.43 7.24 21.03
C GLU A 31 -12.70 6.06 21.58
N MET A 32 -11.38 6.13 21.45
CA MET A 32 -10.46 5.08 21.78
C MET A 32 -9.41 5.68 22.76
N PRO A 33 -9.09 4.98 23.86
CA PRO A 33 -8.09 5.43 24.83
C PRO A 33 -6.77 5.73 24.18
N TYR A 34 -6.05 6.71 24.70
CA TYR A 34 -4.75 7.05 24.16
C TYR A 34 -3.74 5.97 24.50
N ASP A 35 -3.06 5.47 23.49
CA ASP A 35 -2.02 4.48 23.71
C ASP A 35 -0.84 4.93 22.84
N ALA A 36 0.18 5.49 23.49
CA ALA A 36 1.34 6.05 22.79
C ALA A 36 2.07 5.09 21.90
N ALA A 37 2.20 3.83 22.32
CA ALA A 37 2.89 2.82 21.51
C ALA A 37 2.09 2.45 20.28
N ALA A 38 0.81 2.21 20.46
CA ALA A 38 -0.05 1.95 19.33
C ALA A 38 -0.06 3.16 18.39
N ALA A 39 -0.10 4.37 18.95
CA ALA A 39 -0.09 5.59 18.17
C ALA A 39 1.12 5.72 17.33
N LYS A 40 2.27 5.42 17.92
CA LYS A 40 3.53 5.58 17.17
C LYS A 40 3.60 4.56 16.07
N ALA A 41 3.11 3.36 16.37
CA ALA A 41 3.14 2.28 15.40
C ALA A 41 2.33 2.66 14.15
N HIS A 42 1.09 3.13 14.33
CA HIS A 42 0.29 3.51 13.18
C HIS A 42 0.92 4.69 12.45
N ALA A 43 1.38 5.68 13.20
CA ALA A 43 2.07 6.85 12.66
C ALA A 43 3.25 6.43 11.80
N SER A 44 4.10 5.53 12.30
CA SER A 44 5.25 5.16 11.47
C SER A 44 4.84 4.42 10.16
N ASP A 45 3.81 3.59 10.24
CA ASP A 45 3.29 2.91 9.10
C ASP A 45 2.79 3.90 8.06
N LEU A 46 2.12 4.94 8.51
CA LEU A 46 1.68 6.05 7.66
C LEU A 46 2.86 6.80 6.99
N VAL A 47 3.94 6.99 7.73
CA VAL A 47 5.13 7.60 7.13
C VAL A 47 5.67 6.72 5.96
N THR A 48 5.73 5.41 6.15
CA THR A 48 6.15 4.49 5.09
C THR A 48 5.28 4.63 3.86
N LEU A 49 3.98 4.63 4.06
CA LEU A 49 3.05 4.87 2.99
C LEU A 49 3.32 6.14 2.21
N THR A 50 3.71 7.23 2.86
CA THR A 50 3.91 8.48 2.11
C THR A 50 5.24 8.40 1.38
N LYS A 51 6.10 7.48 1.79
CA LYS A 51 7.41 7.34 1.13
C LYS A 51 7.22 6.64 -0.22
N TYR A 52 6.23 5.76 -0.32
CA TYR A 52 5.91 5.05 -1.55
C TYR A 52 5.60 6.05 -2.65
N ASP A 53 6.23 5.88 -3.79
CA ASP A 53 5.98 6.78 -4.89
C ASP A 53 4.74 6.36 -5.68
N PRO A 54 3.67 7.15 -5.65
CA PRO A 54 2.39 6.73 -6.28
C PRO A 54 2.19 7.00 -7.77
N SER A 55 3.27 7.27 -8.48
CA SER A 55 3.22 7.53 -9.92
C SER A 55 2.45 6.52 -10.73
N ASP A 56 2.72 5.24 -10.52
CA ASP A 56 2.02 4.21 -11.30
C ASP A 56 0.56 4.23 -10.99
N LEU A 57 0.21 4.82 -9.87
CA LEU A 57 -1.22 4.82 -9.54
C LEU A 57 -1.99 5.80 -10.40
N TYR A 58 -1.30 6.73 -11.00
CA TYR A 58 -1.97 7.78 -11.78
C TYR A 58 -1.73 7.70 -13.28
N ALA A 59 -1.82 6.50 -13.82
CA ALA A 59 -1.74 6.27 -15.24
C ALA A 59 -2.80 7.08 -15.96
N PRO A 60 -2.40 7.77 -17.02
CA PRO A 60 -3.32 8.51 -17.87
C PRO A 60 -4.46 7.61 -18.35
N GLY A 61 -5.63 8.21 -18.54
CA GLY A 61 -6.82 7.48 -18.94
C GLY A 61 -7.49 6.65 -17.85
N THR A 62 -7.22 6.97 -16.58
CA THR A 62 -7.86 6.21 -15.51
C THR A 62 -8.70 7.08 -14.61
N SER A 63 -9.11 8.23 -15.11
CA SER A 63 -9.92 9.15 -14.33
C SER A 63 -11.39 8.73 -14.30
N ALA A 64 -12.22 9.43 -13.54
CA ALA A 64 -13.65 9.12 -13.49
C ALA A 64 -14.36 9.32 -14.82
N ASP A 65 -13.79 10.18 -15.66
CA ASP A 65 -14.31 10.41 -17.00
C ASP A 65 -14.02 9.18 -17.87
N ASP A 66 -13.09 8.31 -17.48
CA ASP A 66 -12.61 7.25 -18.37
C ASP A 66 -13.10 5.84 -18.04
N VAL A 67 -13.15 5.53 -16.75
CA VAL A 67 -13.51 4.21 -16.28
C VAL A 67 -14.44 4.34 -15.11
N LYS A 68 -15.17 3.28 -14.84
CA LYS A 68 -16.08 3.31 -13.72
C LYS A 68 -15.41 2.71 -12.48
N GLY A 69 -16.03 2.92 -11.33
CA GLY A 69 -15.43 2.34 -10.16
C GLY A 69 -14.30 3.20 -9.63
N THR A 70 -14.09 4.39 -10.18
CA THR A 70 -13.07 5.28 -9.61
C THR A 70 -13.69 6.62 -9.26
N ALA A 71 -13.07 7.36 -8.33
CA ALA A 71 -13.57 8.65 -7.91
C ALA A 71 -12.47 9.71 -8.11
N ALA A 72 -11.40 9.30 -8.81
CA ALA A 72 -10.33 10.22 -9.18
C ALA A 72 -10.75 11.16 -10.33
N LYS A 73 -10.76 12.47 -10.06
CA LYS A 73 -11.15 13.49 -11.00
C LYS A 73 -10.12 13.75 -12.10
N ALA A 74 -10.62 14.07 -13.28
CA ALA A 74 -9.73 14.38 -14.40
C ALA A 74 -8.82 15.51 -14.05
N ALA A 75 -9.31 16.39 -13.21
CA ALA A 75 -8.51 17.46 -12.71
C ALA A 75 -7.08 17.04 -12.27
N ILE A 76 -6.95 15.84 -11.69
CA ILE A 76 -5.64 15.38 -11.22
C ILE A 76 -4.63 15.51 -12.37
N TRP A 77 -5.01 15.08 -13.56
CA TRP A 77 -4.08 15.14 -14.67
C TRP A 77 -4.00 16.50 -15.34
N GLN A 78 -5.02 17.33 -15.21
CA GLN A 78 -4.97 18.65 -15.86
C GLN A 78 -4.23 19.67 -14.99
N ASP A 79 -4.08 19.35 -13.71
CA ASP A 79 -3.42 20.23 -12.74
C ASP A 79 -2.36 19.44 -11.96
N ALA A 80 -1.33 19.00 -12.67
CA ALA A 80 -0.32 18.20 -12.01
C ALA A 80 0.34 18.99 -10.93
N ASP A 81 0.51 20.30 -11.12
CA ASP A 81 1.13 21.08 -10.06
C ASP A 81 0.24 21.26 -8.81
N GLY A 82 -1.07 21.46 -8.95
CA GLY A 82 -1.88 21.58 -7.77
C GLY A 82 -1.93 20.22 -7.06
N PHE A 83 -1.91 19.15 -7.82
CA PHE A 83 -1.95 17.83 -7.21
C PHE A 83 -0.70 17.53 -6.39
N GLN A 84 0.51 17.76 -6.91
CA GLN A 84 1.72 17.52 -6.10
C GLN A 84 1.74 18.38 -4.86
N ALA A 85 1.25 19.61 -4.97
CA ALA A 85 1.13 20.47 -3.77
C ALA A 85 0.24 19.86 -2.67
N LYS A 86 -0.93 19.33 -3.04
CA LYS A 86 -1.78 18.73 -2.02
C LYS A 86 -1.11 17.48 -1.47
N GLY A 87 -0.42 16.71 -2.33
CA GLY A 87 0.36 15.57 -1.90
C GLY A 87 1.47 15.95 -0.92
N MET A 88 2.18 17.04 -1.23
CA MET A 88 3.25 17.46 -0.37
C MET A 88 2.76 17.92 0.99
N ALA A 89 1.65 18.66 1.02
CA ALA A 89 1.11 19.10 2.31
C ALA A 89 0.79 17.87 3.20
N PHE A 90 0.28 16.82 2.55
CA PHE A 90 -0.10 15.61 3.28
C PHE A 90 1.16 15.01 3.84
N PHE A 91 2.16 14.81 2.98
CA PHE A 91 3.42 14.23 3.42
C PHE A 91 4.03 14.99 4.62
N GLU A 92 4.04 16.29 4.58
CA GLU A 92 4.55 17.04 5.71
C GLU A 92 3.73 16.91 7.00
N ALA A 93 2.41 16.84 6.88
CA ALA A 93 1.60 16.73 8.08
C ALA A 93 1.85 15.39 8.76
N VAL A 94 2.04 14.38 7.93
CA VAL A 94 2.30 13.04 8.39
C VAL A 94 3.67 13.00 9.10
N ALA A 95 4.69 13.64 8.53
CA ALA A 95 6.02 13.72 9.18
C ALA A 95 5.91 14.29 10.60
N ALA A 96 5.11 15.30 10.78
CA ALA A 96 4.95 15.94 12.10
C ALA A 96 4.18 15.04 13.06
N LEU A 97 3.42 14.13 12.48
CA LEU A 97 2.57 13.24 13.23
C LEU A 97 3.40 12.33 14.07
N GLU A 98 4.56 11.93 13.57
CA GLU A 98 5.41 10.98 14.34
C GLU A 98 5.82 11.42 15.74
N PRO A 99 6.56 12.51 15.86
CA PRO A 99 7.01 12.93 17.20
C PRO A 99 5.82 13.21 18.13
N ALA A 100 4.75 13.75 17.55
CA ALA A 100 3.59 14.10 18.34
C ALA A 100 2.95 12.82 18.91
N ALA A 101 2.91 11.76 18.13
CA ALA A 101 2.26 10.53 18.59
C ALA A 101 2.44 10.12 20.05
N GLY A 102 3.69 10.15 20.51
CA GLY A 102 4.03 9.73 21.86
C GLY A 102 4.10 10.83 22.89
N ALA A 103 3.67 12.04 22.56
CA ALA A 103 3.79 13.12 23.53
C ALA A 103 2.48 13.50 24.20
N GLY A 104 1.43 12.70 24.08
CA GLY A 104 0.22 13.03 24.82
C GLY A 104 -1.00 13.07 23.92
N GLN A 105 -2.18 12.86 24.49
CA GLN A 105 -3.43 12.89 23.73
C GLN A 105 -3.70 14.26 23.10
N LYS A 106 -3.47 15.33 23.86
CA LYS A 106 -3.74 16.65 23.33
C LYS A 106 -2.82 16.95 22.14
N GLU A 107 -1.55 16.61 22.25
CA GLU A 107 -0.67 16.85 21.09
C GLU A 107 -0.97 15.97 19.84
N LEU A 108 -1.24 14.69 20.09
CA LEU A 108 -1.61 13.80 19.02
C LEU A 108 -2.86 14.35 18.37
N ALA A 109 -3.84 14.80 19.15
CA ALA A 109 -5.08 15.34 18.58
C ALA A 109 -4.85 16.53 17.66
N ALA A 110 -3.88 17.38 18.04
CA ALA A 110 -3.57 18.58 17.27
C ALA A 110 -2.99 18.14 15.95
N ALA A 111 -1.97 17.25 16.01
CA ALA A 111 -1.29 16.71 14.84
C ALA A 111 -2.23 16.00 13.86
N VAL A 112 -3.11 15.20 14.45
CA VAL A 112 -4.11 14.47 13.68
C VAL A 112 -5.03 15.44 12.96
N GLY A 113 -5.45 16.50 13.66
CA GLY A 113 -6.21 17.56 13.04
C GLY A 113 -5.57 18.16 11.77
N LYS A 114 -4.26 18.36 11.79
CA LYS A 114 -3.61 18.89 10.61
C LYS A 114 -3.63 17.89 9.47
N VAL A 115 -3.32 16.64 9.80
CA VAL A 115 -3.34 15.62 8.79
C VAL A 115 -4.73 15.58 8.19
N GLY A 116 -5.73 15.49 9.05
CA GLY A 116 -7.12 15.44 8.56
C GLY A 116 -7.49 16.53 7.57
N GLY A 117 -7.08 17.76 7.87
CA GLY A 117 -7.26 18.88 6.98
C GLY A 117 -6.65 18.58 5.61
N THR A 118 -5.46 17.95 5.57
CA THR A 118 -4.86 17.58 4.31
C THR A 118 -5.68 16.55 3.53
N CYS A 119 -6.26 15.58 4.22
CA CYS A 119 -7.13 14.62 3.56
C CYS A 119 -8.20 15.38 2.81
N LYS A 120 -8.90 16.23 3.54
CA LYS A 120 -10.07 16.90 3.00
C LYS A 120 -9.73 17.86 1.86
N SER A 121 -8.64 18.60 2.04
CA SER A 121 -8.22 19.62 1.09
C SER A 121 -7.97 18.92 -0.23
N CYS A 122 -7.34 17.76 -0.18
CA CYS A 122 -7.16 17.02 -1.44
C CYS A 122 -8.49 16.56 -2.04
N HIS A 123 -9.33 15.92 -1.25
CA HIS A 123 -10.61 15.45 -1.68
C HIS A 123 -11.41 16.58 -2.33
N ASP A 124 -11.29 17.77 -1.80
CA ASP A 124 -12.12 18.85 -2.24
C ASP A 124 -11.93 19.21 -3.68
N ASP A 125 -10.68 19.18 -4.14
CA ASP A 125 -10.36 19.53 -5.51
C ASP A 125 -10.18 18.33 -6.42
N PHE A 126 -9.89 17.13 -5.89
CA PHE A 126 -9.56 16.07 -6.81
C PHE A 126 -10.34 14.77 -6.71
N ARG A 127 -11.29 14.69 -5.77
CA ARG A 127 -12.09 13.50 -5.64
C ARG A 127 -13.55 13.84 -5.92
N VAL A 128 -14.21 13.06 -6.77
CA VAL A 128 -15.61 13.24 -7.08
C VAL A 128 -16.42 13.08 -5.80
N LYS A 129 -17.45 13.90 -5.64
CA LYS A 129 -18.29 13.77 -4.43
C LYS A 129 -19.58 12.94 -4.58
N ARG A 130 -19.78 11.94 -3.66
CA ARG A 130 -21.02 11.16 -3.51
C ARG A 130 -20.99 10.33 -2.22
N ALA B 1 -10.57 -1.28 11.19
CA ALA B 1 -11.77 -1.26 12.07
C ALA B 1 -12.52 -2.59 11.96
N ASP B 2 -13.58 -2.60 11.18
CA ASP B 2 -14.36 -3.79 11.00
C ASP B 2 -13.71 -4.71 9.98
N ALA B 3 -14.10 -5.98 9.98
CA ALA B 3 -13.49 -6.95 9.06
C ALA B 3 -13.45 -6.42 7.65
N GLU B 4 -14.53 -5.82 7.20
CA GLU B 4 -14.59 -5.37 5.81
C GLU B 4 -13.49 -4.40 5.42
N HIS B 5 -13.09 -3.52 6.33
CA HIS B 5 -12.02 -2.57 6.03
C HIS B 5 -10.63 -3.22 6.09
N VAL B 6 -10.44 -4.14 7.03
CA VAL B 6 -9.20 -4.88 7.10
C VAL B 6 -9.06 -5.68 5.83
N VAL B 7 -10.16 -6.24 5.34
CA VAL B 7 -10.16 -7.07 4.14
C VAL B 7 -9.78 -6.26 2.88
N GLU B 8 -10.46 -5.13 2.71
CA GLU B 8 -10.11 -4.20 1.60
C GLU B 8 -8.66 -3.69 1.63
N ALA B 9 -8.11 -3.43 2.81
CA ALA B 9 -6.72 -2.99 2.87
C ALA B 9 -5.76 -4.14 2.54
N ARG B 10 -6.05 -5.37 2.99
CA ARG B 10 -5.16 -6.49 2.72
C ARG B 10 -5.10 -6.73 1.21
N LYS B 11 -6.27 -6.76 0.59
CA LYS B 11 -6.35 -6.94 -0.85
C LYS B 11 -5.67 -5.76 -1.54
N GLY B 12 -5.91 -4.57 -1.04
CA GLY B 12 -5.23 -3.37 -1.54
C GLY B 12 -3.71 -3.47 -1.52
N TYR B 13 -3.14 -3.93 -0.41
CA TYR B 13 -1.71 -4.20 -0.24
C TYR B 13 -1.19 -5.16 -1.36
N PHE B 14 -1.91 -6.24 -1.63
CA PHE B 14 -1.48 -7.15 -2.71
C PHE B 14 -1.69 -6.56 -4.11
N SER B 15 -2.67 -5.68 -4.25
CA SER B 15 -2.87 -4.99 -5.55
C SER B 15 -1.72 -4.08 -5.88
N LEU B 16 -1.11 -3.48 -4.84
CA LEU B 16 0.06 -2.61 -5.04
C LEU B 16 1.27 -3.49 -5.33
N VAL B 17 1.51 -4.55 -4.52
CA VAL B 17 2.57 -5.51 -4.80
C VAL B 17 2.47 -6.00 -6.26
N ALA B 18 1.29 -6.41 -6.69
CA ALA B 18 1.12 -6.86 -8.06
C ALA B 18 1.39 -5.75 -9.09
N LEU B 19 0.92 -4.52 -8.82
CA LEU B 19 1.12 -3.41 -9.77
C LEU B 19 2.59 -3.17 -10.07
N GLU B 20 3.42 -3.29 -9.04
CA GLU B 20 4.85 -3.01 -9.20
C GLU B 20 5.62 -4.21 -9.74
N PHE B 21 5.23 -5.40 -9.32
CA PHE B 21 5.85 -6.59 -9.83
C PHE B 21 5.52 -6.83 -11.31
N GLY B 22 4.34 -6.39 -11.76
CA GLY B 22 3.92 -6.66 -13.11
C GLY B 22 4.89 -6.32 -14.25
N PRO B 23 5.33 -5.07 -14.31
CA PRO B 23 6.30 -4.65 -15.32
C PRO B 23 7.64 -5.39 -15.17
N LEU B 24 8.06 -5.71 -13.96
CA LEU B 24 9.26 -6.49 -13.76
C LEU B 24 9.15 -7.88 -14.37
N ALA B 25 7.97 -8.51 -14.26
CA ALA B 25 7.74 -9.84 -14.78
C ALA B 25 7.64 -9.82 -16.30
N ALA B 26 7.02 -8.78 -16.82
CA ALA B 26 6.89 -8.66 -18.27
C ALA B 26 8.25 -8.40 -18.91
N MET B 27 9.09 -7.62 -18.26
CA MET B 27 10.46 -7.40 -18.81
C MET B 27 11.27 -8.69 -18.80
N ALA B 28 11.09 -9.50 -17.76
CA ALA B 28 11.82 -10.72 -17.57
C ALA B 28 11.36 -11.74 -18.58
N LYS B 29 10.10 -11.62 -19.00
CA LYS B 29 9.54 -12.55 -19.97
C LYS B 29 9.87 -12.11 -21.39
N GLY B 30 10.34 -10.90 -21.55
CA GLY B 30 10.65 -10.38 -22.87
C GLY B 30 9.39 -9.88 -23.52
N GLU B 31 8.40 -9.50 -22.71
CA GLU B 31 7.13 -9.06 -23.27
C GLU B 31 7.10 -7.57 -23.35
N MET B 32 7.99 -6.95 -22.60
CA MET B 32 8.19 -5.52 -22.72
C MET B 32 9.69 -5.28 -22.71
N PRO B 33 10.16 -4.31 -23.48
CA PRO B 33 11.59 -4.09 -23.61
C PRO B 33 12.21 -3.82 -22.25
N TYR B 34 13.44 -4.28 -22.05
CA TYR B 34 14.19 -4.00 -20.83
C TYR B 34 14.53 -2.51 -20.68
N ASP B 35 14.08 -1.87 -19.62
CA ASP B 35 14.43 -0.48 -19.38
C ASP B 35 14.99 -0.43 -17.97
N ALA B 36 16.30 -0.23 -17.85
CA ALA B 36 16.94 -0.30 -16.52
C ALA B 36 16.40 0.70 -15.47
N ALA B 37 16.03 1.89 -15.95
CA ALA B 37 15.55 2.98 -15.06
C ALA B 37 14.19 2.59 -14.49
N ALA B 38 13.29 2.18 -15.38
CA ALA B 38 11.98 1.74 -14.99
C ALA B 38 12.13 0.51 -14.10
N ALA B 39 13.04 -0.39 -14.45
CA ALA B 39 13.14 -1.59 -13.61
C ALA B 39 13.54 -1.19 -12.22
N LYS B 40 14.48 -0.25 -12.14
CA LYS B 40 14.99 0.19 -10.87
C LYS B 40 13.91 0.85 -10.04
N ALA B 41 13.10 1.64 -10.72
CA ALA B 41 12.00 2.34 -10.09
C ALA B 41 10.93 1.38 -9.48
N HIS B 42 10.49 0.41 -10.25
CA HIS B 42 9.52 -0.54 -9.75
C HIS B 42 10.13 -1.35 -8.60
N ALA B 43 11.36 -1.82 -8.79
CA ALA B 43 12.02 -2.57 -7.72
C ALA B 43 12.05 -1.81 -6.40
N SER B 44 12.48 -0.56 -6.45
CA SER B 44 12.55 0.25 -5.23
C SER B 44 11.17 0.46 -4.54
N ASP B 45 10.11 0.66 -5.32
CA ASP B 45 8.78 0.77 -4.71
C ASP B 45 8.43 -0.53 -4.02
N LEU B 46 8.84 -1.67 -4.60
CA LEU B 46 8.57 -2.99 -4.01
C LEU B 46 9.28 -3.14 -2.69
N VAL B 47 10.52 -2.67 -2.65
CA VAL B 47 11.27 -2.63 -1.41
C VAL B 47 10.51 -1.83 -0.34
N THR B 48 10.00 -0.64 -0.70
CA THR B 48 9.23 0.13 0.25
C THR B 48 7.99 -0.64 0.73
N LEU B 49 7.34 -1.39 -0.15
CA LEU B 49 6.16 -2.15 0.28
C LEU B 49 6.53 -3.23 1.30
N THR B 50 7.65 -3.91 1.11
CA THR B 50 8.09 -4.94 2.03
C THR B 50 8.46 -4.33 3.40
N LYS B 51 8.66 -3.02 3.46
CA LYS B 51 9.00 -2.33 4.72
C LYS B 51 7.77 -2.05 5.55
N TYR B 52 6.66 -1.88 4.87
CA TYR B 52 5.41 -1.57 5.53
C TYR B 52 5.12 -2.75 6.44
N ASP B 53 4.92 -2.51 7.71
CA ASP B 53 4.58 -3.59 8.61
C ASP B 53 3.14 -3.94 8.39
N PRO B 54 2.88 -5.17 8.01
CA PRO B 54 1.53 -5.59 7.66
C PRO B 54 0.71 -6.14 8.82
N SER B 55 1.14 -5.99 10.05
CA SER B 55 0.40 -6.57 11.18
C SER B 55 -1.11 -6.34 11.20
N ASP B 56 -1.53 -5.08 11.03
CA ASP B 56 -2.93 -4.69 11.00
C ASP B 56 -3.72 -5.36 9.89
N LEU B 57 -3.05 -5.83 8.85
CA LEU B 57 -3.78 -6.49 7.78
C LEU B 57 -4.25 -7.89 8.21
N TYR B 58 -3.67 -8.43 9.24
CA TYR B 58 -3.96 -9.81 9.66
C TYR B 58 -4.68 -9.89 10.99
N ALA B 59 -5.68 -9.03 11.15
CA ALA B 59 -6.52 -9.05 12.36
C ALA B 59 -7.22 -10.38 12.50
N PRO B 60 -7.18 -10.97 13.70
CA PRO B 60 -7.90 -12.21 13.98
C PRO B 60 -9.34 -12.13 13.52
N GLY B 61 -9.90 -13.25 13.10
CA GLY B 61 -11.28 -13.33 12.65
C GLY B 61 -11.53 -12.68 11.31
N THR B 62 -10.53 -12.64 10.42
CA THR B 62 -10.70 -12.09 9.05
C THR B 62 -10.33 -13.09 7.98
N SER B 63 -10.27 -14.34 8.34
CA SER B 63 -9.91 -15.34 7.32
C SER B 63 -11.12 -15.71 6.46
N ALA B 64 -10.91 -16.56 5.43
CA ALA B 64 -12.03 -16.92 4.59
C ALA B 64 -13.10 -17.72 5.33
N ASP B 65 -12.72 -18.32 6.46
CA ASP B 65 -13.71 -19.04 7.26
C ASP B 65 -14.63 -18.06 7.98
N ASP B 66 -14.21 -16.80 8.05
CA ASP B 66 -14.95 -15.80 8.85
C ASP B 66 -15.77 -14.80 8.08
N VAL B 67 -15.22 -14.29 6.99
CA VAL B 67 -15.89 -13.25 6.23
C VAL B 67 -15.80 -13.58 4.76
N LYS B 68 -16.77 -13.07 4.01
CA LYS B 68 -16.76 -13.26 2.57
C LYS B 68 -15.88 -12.17 1.92
N GLY B 69 -15.41 -12.45 0.70
CA GLY B 69 -14.61 -11.49 -0.03
C GLY B 69 -13.14 -11.58 0.31
N THR B 70 -12.76 -12.54 1.17
CA THR B 70 -11.33 -12.78 1.47
C THR B 70 -10.84 -14.18 0.97
N ALA B 71 -9.57 -14.26 0.56
CA ALA B 71 -8.94 -15.47 0.05
C ALA B 71 -7.80 -15.86 1.00
N ALA B 72 -7.73 -15.19 2.12
CA ALA B 72 -6.73 -15.53 3.12
C ALA B 72 -7.24 -16.74 3.90
N LYS B 73 -6.47 -17.83 3.88
CA LYS B 73 -6.80 -19.04 4.63
C LYS B 73 -6.63 -18.92 6.13
N ALA B 74 -7.46 -19.66 6.85
CA ALA B 74 -7.34 -19.68 8.33
C ALA B 74 -5.92 -20.12 8.68
N ALA B 75 -5.32 -20.87 7.79
CA ALA B 75 -3.96 -21.38 7.99
C ALA B 75 -3.02 -20.28 8.34
N ILE B 76 -3.24 -19.10 7.83
CA ILE B 76 -2.31 -18.00 8.18
C ILE B 76 -2.14 -17.81 9.68
N TRP B 77 -3.27 -17.94 10.37
CA TRP B 77 -3.34 -17.74 11.83
C TRP B 77 -3.01 -19.02 12.61
N GLN B 78 -3.30 -20.15 12.01
CA GLN B 78 -2.99 -21.47 12.61
C GLN B 78 -1.49 -21.80 12.56
N ASP B 79 -0.84 -21.37 11.50
CA ASP B 79 0.57 -21.66 11.33
C ASP B 79 1.30 -20.29 11.24
N ALA B 80 1.25 -19.50 12.31
CA ALA B 80 1.90 -18.19 12.27
C ALA B 80 3.38 -18.33 12.00
N ASP B 81 4.04 -19.37 12.54
CA ASP B 81 5.47 -19.54 12.24
C ASP B 81 5.79 -19.72 10.76
N GLY B 82 5.05 -20.61 10.10
CA GLY B 82 5.28 -20.88 8.71
C GLY B 82 4.89 -19.67 7.85
N PHE B 83 3.84 -18.95 8.21
CA PHE B 83 3.48 -17.73 7.47
C PHE B 83 4.62 -16.72 7.50
N GLN B 84 5.19 -16.51 8.69
CA GLN B 84 6.26 -15.53 8.85
C GLN B 84 7.40 -15.95 7.96
N ALA B 85 7.65 -17.24 7.94
CA ALA B 85 8.70 -17.80 7.12
C ALA B 85 8.53 -17.49 5.65
N LYS B 86 7.35 -17.76 5.10
CA LYS B 86 7.06 -17.38 3.71
C LYS B 86 7.27 -15.84 3.51
N GLY B 87 6.84 -15.01 4.46
CA GLY B 87 6.99 -13.57 4.36
C GLY B 87 8.43 -13.10 4.27
N MET B 88 9.29 -13.70 5.07
CA MET B 88 10.69 -13.33 5.07
C MET B 88 11.34 -13.71 3.74
N ALA B 89 11.05 -14.94 3.26
CA ALA B 89 11.52 -15.40 1.96
C ALA B 89 11.23 -14.35 0.86
N PHE B 90 10.02 -13.83 0.86
CA PHE B 90 9.62 -12.75 -0.03
C PHE B 90 10.44 -11.50 0.25
N PHE B 91 10.54 -11.08 1.52
CA PHE B 91 11.28 -9.88 1.86
C PHE B 91 12.73 -9.98 1.34
N GLU B 92 13.37 -11.09 1.62
CA GLU B 92 14.74 -11.24 1.17
C GLU B 92 14.92 -11.25 -0.34
N ALA B 93 13.98 -11.88 -1.03
CA ALA B 93 14.13 -11.98 -2.46
C ALA B 93 13.94 -10.61 -3.05
N VAL B 94 13.09 -9.82 -2.44
CA VAL B 94 12.85 -8.50 -2.97
C VAL B 94 14.09 -7.63 -2.76
N ALA B 95 14.75 -7.79 -1.62
CA ALA B 95 15.95 -7.02 -1.31
C ALA B 95 17.09 -7.29 -2.31
N ALA B 96 17.12 -8.50 -2.85
CA ALA B 96 18.14 -8.92 -3.81
C ALA B 96 17.85 -8.49 -5.25
N LEU B 97 16.63 -8.05 -5.49
CA LEU B 97 16.19 -7.68 -6.82
C LEU B 97 16.65 -6.25 -7.11
N GLU B 98 16.74 -5.45 -6.06
CA GLU B 98 17.05 -4.05 -6.27
C GLU B 98 18.30 -3.80 -7.11
N PRO B 99 19.47 -4.25 -6.66
CA PRO B 99 20.72 -4.06 -7.41
C PRO B 99 20.76 -4.78 -8.75
N ALA B 100 20.07 -5.91 -8.84
CA ALA B 100 19.99 -6.66 -10.09
C ALA B 100 19.11 -5.99 -11.15
N ALA B 101 18.18 -5.15 -10.70
CA ALA B 101 17.14 -4.66 -11.56
C ALA B 101 17.72 -3.82 -12.67
N GLY B 102 18.79 -3.09 -12.35
CA GLY B 102 19.47 -2.28 -13.34
C GLY B 102 20.79 -2.83 -13.86
N ALA B 103 21.06 -4.12 -13.63
CA ALA B 103 22.32 -4.75 -14.08
C ALA B 103 22.22 -5.46 -15.44
N GLY B 104 21.01 -5.54 -15.99
CA GLY B 104 20.79 -6.19 -17.27
C GLY B 104 19.53 -7.09 -17.28
N GLN B 105 19.12 -7.44 -18.48
CA GLN B 105 17.93 -8.28 -18.68
C GLN B 105 18.04 -9.69 -18.06
N LYS B 106 19.18 -10.36 -18.23
CA LYS B 106 19.34 -11.73 -17.70
C LYS B 106 19.34 -11.73 -16.21
N GLU B 107 20.11 -10.80 -15.64
CA GLU B 107 20.22 -10.57 -14.18
C GLU B 107 18.83 -10.31 -13.64
N LEU B 108 18.13 -9.34 -14.25
CA LEU B 108 16.75 -9.01 -13.84
C LEU B 108 15.85 -10.23 -13.90
N ALA B 109 15.97 -11.01 -14.95
CA ALA B 109 15.09 -12.19 -15.10
C ALA B 109 15.31 -13.24 -14.04
N ALA B 110 16.56 -13.48 -13.72
CA ALA B 110 16.95 -14.41 -12.71
C ALA B 110 16.34 -13.95 -11.37
N ALA B 111 16.52 -12.68 -11.06
CA ALA B 111 16.08 -12.14 -9.77
C ALA B 111 14.53 -12.14 -9.65
N VAL B 112 13.89 -11.78 -10.75
CA VAL B 112 12.44 -11.80 -10.81
C VAL B 112 11.96 -13.23 -10.66
N GLY B 113 12.70 -14.21 -11.26
CA GLY B 113 12.36 -15.61 -11.03
C GLY B 113 12.32 -15.93 -9.56
N LYS B 114 13.34 -15.51 -8.80
CA LYS B 114 13.41 -15.81 -7.40
C LYS B 114 12.18 -15.21 -6.68
N VAL B 115 11.88 -13.95 -6.93
CA VAL B 115 10.73 -13.32 -6.32
C VAL B 115 9.45 -14.09 -6.67
N GLY B 116 9.24 -14.35 -7.94
CA GLY B 116 8.07 -15.09 -8.41
C GLY B 116 7.82 -16.34 -7.60
N GLY B 117 8.88 -17.12 -7.35
CA GLY B 117 8.85 -18.38 -6.57
C GLY B 117 8.26 -18.04 -5.19
N THR B 118 8.69 -16.92 -4.61
CA THR B 118 8.15 -16.58 -3.29
C THR B 118 6.66 -16.24 -3.34
N CYS B 119 6.21 -15.60 -4.42
CA CYS B 119 4.79 -15.29 -4.44
C CYS B 119 4.02 -16.57 -4.41
N LYS B 120 4.43 -17.52 -5.26
CA LYS B 120 3.62 -18.70 -5.41
C LYS B 120 3.75 -19.66 -4.18
N SER B 121 4.92 -19.68 -3.56
CA SER B 121 5.14 -20.50 -2.39
C SER B 121 4.11 -20.13 -1.32
N CYS B 122 3.95 -18.82 -1.08
CA CYS B 122 3.02 -18.34 -0.06
C CYS B 122 1.58 -18.62 -0.47
N HIS B 123 1.25 -18.36 -1.74
CA HIS B 123 -0.09 -18.66 -2.25
C HIS B 123 -0.46 -20.14 -2.15
N ASP B 124 0.48 -21.03 -2.47
CA ASP B 124 0.21 -22.47 -2.38
C ASP B 124 -0.34 -22.91 -1.05
N ASP B 125 0.22 -22.36 0.03
CA ASP B 125 -0.13 -22.75 1.40
C ASP B 125 -1.17 -21.89 2.11
N PHE B 126 -1.26 -20.63 1.73
CA PHE B 126 -2.06 -19.70 2.51
C PHE B 126 -3.12 -18.94 1.78
N ARG B 127 -3.23 -19.13 0.47
CA ARG B 127 -4.27 -18.44 -0.27
C ARG B 127 -5.29 -19.41 -0.84
N VAL B 128 -6.56 -19.07 -0.68
CA VAL B 128 -7.56 -20.01 -1.15
C VAL B 128 -7.49 -20.14 -2.66
N LYS B 129 -7.46 -21.39 -3.14
CA LYS B 129 -7.47 -21.61 -4.58
C LYS B 129 -8.84 -21.23 -5.17
N ARG B 130 -9.02 -19.93 -5.34
CA ARG B 130 -10.24 -19.37 -5.88
C ARG B 130 -9.85 -18.68 -7.18
FE HEC C . -8.07 10.31 -0.06
CHA HEC C . -9.93 8.20 -2.00
CHB HEC C . -8.99 8.54 2.74
CHC HEC C . -5.68 11.86 1.87
CHD HEC C . -6.82 11.77 -2.89
NA HEC C . -9.31 8.56 0.33
C1A HEC C . -9.94 7.93 -0.60
C2A HEC C . -10.76 7.01 0.03
C3A HEC C . -10.43 7.07 1.41
C4A HEC C . -9.50 8.09 1.52
CMA HEC C . -11.03 6.24 2.53
CAA HEC C . -11.59 5.95 -0.69
CBA HEC C . -10.87 4.70 -1.04
CGA HEC C . -11.79 3.61 -1.64
O1A HEC C . -11.89 2.48 -1.13
O2A HEC C . -12.34 3.77 -2.74
NB HEC C . -7.29 10.27 1.96
C1B HEC C . -7.97 9.47 2.99
C2B HEC C . -7.46 9.85 4.25
C3B HEC C . -6.49 10.81 3.99
C4B HEC C . -6.44 10.98 2.61
CMB HEC C . -7.93 9.24 5.56
CAB HEC C . -5.65 11.46 4.91
CBB HEC C . -4.98 10.80 5.99
NC HEC C . -6.47 11.59 -0.42
C1C HEC C . -5.68 12.18 0.48
C2C HEC C . -4.76 13.02 -0.16
C3C HEC C . -5.13 13.03 -1.52
C4C HEC C . -6.16 12.12 -1.70
CMC HEC C . -3.70 13.91 0.52
CAC HEC C . -4.54 13.79 -2.56
CBC HEC C . -3.14 13.98 -2.80
ND HEC C . -8.33 9.98 -2.30
C1D HEC C . -7.73 10.76 -3.10
C2D HEC C . -8.27 10.39 -4.34
C3D HEC C . -9.18 9.37 -4.08
C4D HEC C . -9.13 9.13 -2.70
CMD HEC C . -7.95 11.00 -5.68
CAD HEC C . -10.05 8.59 -5.11
CBD HEC C . -9.40 7.25 -5.51
CGD HEC C . -10.15 6.47 -6.59
O1D HEC C . -11.37 6.44 -6.53
O2D HEC C . -9.55 6.14 -7.60
FE HEC D . -0.15 -12.61 -2.79
CHA HEC D . -3.57 -12.04 -2.61
CHB HEC D . -0.09 -11.03 -5.85
CHC HEC D . 3.28 -12.48 -2.74
CHD HEC D . -0.22 -13.87 0.37
NA HEC D . -1.64 -11.65 -4.09
C1A HEC D . -2.94 -11.60 -3.80
C2A HEC D . -3.55 -11.11 -4.93
C3A HEC D . -2.55 -10.78 -5.88
C4A HEC D . -1.38 -11.17 -5.27
CMA HEC D . -2.75 -10.15 -7.23
CAA HEC D . -5.03 -10.71 -5.06
CBA HEC D . -5.32 -9.32 -4.57
CGA HEC D . -6.79 -8.90 -4.67
O1A HEC D . -7.09 -7.81 -5.21
O2A HEC D . -7.73 -9.52 -4.17
NB HEC D . 1.39 -11.80 -4.10
C1B HEC D . 1.16 -11.32 -5.32
C2B HEC D . 2.40 -11.18 -5.99
C3B HEC D . 3.37 -11.62 -5.10
C4B HEC D . 2.74 -11.99 -3.91
CMB HEC D . 2.52 -10.67 -7.41
CAB HEC D . 4.76 -11.66 -5.32
CBB HEC D . 5.53 -10.60 -5.90
NC HEC D . 1.35 -13.10 -1.40
C1C HEC D . 2.66 -13.00 -1.56
C2C HEC D . 3.29 -13.27 -0.34
C3C HEC D . 2.30 -13.87 0.47
C4C HEC D . 1.07 -13.63 -0.14
CMC HEC D . 4.81 -13.55 -0.19
CAC HEC D . 2.47 -14.44 1.75
CBC HEC D . 3.53 -14.19 2.68
ND HEC D . -1.74 -12.91 -1.25
C1D HEC D . -1.44 -13.49 -0.13
C2D HEC D . -2.67 -13.66 0.50
C3D HEC D . -3.63 -13.16 -0.37
C4D HEC D . -2.95 -12.64 -1.49
CMD HEC D . -2.91 -14.27 1.86
CAD HEC D . -5.17 -13.08 -0.14
CBD HEC D . -5.58 -11.68 0.39
CGD HEC D . -7.08 -11.55 0.69
O1D HEC D . -7.84 -12.03 -0.13
O2D HEC D . -7.41 -11.14 1.78
#